data_2QZB
#
_entry.id   2QZB
#
_cell.length_a   37.599
_cell.length_b   37.599
_cell.length_c   420.261
_cell.angle_alpha   90.000
_cell.angle_beta   90.000
_cell.angle_gamma   90.000
#
_symmetry.space_group_name_H-M   'P 41 21 2'
#
loop_
_entity.id
_entity.type
_entity.pdbx_description
1 polymer 'Uncharacterized protein yfeY'
2 water water
#
_entity_poly.entity_id   1
_entity_poly.type   'polypeptide(L)'
_entity_poly.pdbx_seq_one_letter_code
;SLAANPWNWFGSSTKVSEQGVGELTASTPLQEQAIADALDGDYRLRSGMKTANGNVVRFFEVMKGDNVAMVINGDQGTIS
RIDVLDSDIPADTGVKIGTPFSDLYSKAFGNCQKADGDDNRAVECKAEGSQHISYQFSGEWRGPEGLMPSDDTLKNWKVS
KIIWRR
;
_entity_poly.pdbx_strand_id   A,B
#
# COMPACT_ATOMS: atom_id res chain seq x y z
N THR A 14 -18.86 -14.83 2.16
CA THR A 14 -18.54 -14.45 0.75
C THR A 14 -17.38 -15.25 0.17
N LYS A 15 -17.68 -15.96 -0.93
CA LYS A 15 -16.66 -16.65 -1.70
C LYS A 15 -16.82 -16.40 -3.21
N VAL A 16 -15.71 -16.53 -3.91
CA VAL A 16 -15.74 -16.64 -5.35
C VAL A 16 -16.22 -18.05 -5.75
N SER A 17 -17.23 -18.08 -6.62
CA SER A 17 -17.80 -19.34 -7.13
C SER A 17 -18.02 -19.19 -8.62
N GLU A 18 -18.41 -20.27 -9.28
CA GLU A 18 -18.79 -20.23 -10.71
C GLU A 18 -19.75 -19.10 -11.06
N GLN A 19 -20.65 -18.77 -10.14
CA GLN A 19 -21.69 -17.73 -10.30
C GLN A 19 -21.30 -16.29 -9.99
N GLY A 20 -20.18 -16.06 -9.31
CA GLY A 20 -19.77 -14.70 -9.01
C GLY A 20 -19.08 -14.63 -7.66
N VAL A 21 -19.22 -13.49 -7.02
CA VAL A 21 -18.57 -13.20 -5.74
C VAL A 21 -19.71 -12.79 -4.84
N GLY A 22 -20.06 -13.67 -3.91
CA GLY A 22 -21.24 -13.43 -3.05
C GLY A 22 -22.48 -13.28 -3.92
N GLU A 23 -23.11 -12.12 -3.88
CA GLU A 23 -24.31 -11.89 -4.68
C GLU A 23 -24.00 -11.05 -5.94
N LEU A 24 -22.72 -10.77 -6.17
CA LEU A 24 -22.28 -10.14 -7.42
C LEU A 24 -22.19 -11.24 -8.49
N THR A 25 -22.98 -11.09 -9.55
CA THR A 25 -23.14 -12.12 -10.58
C THR A 25 -23.15 -11.47 -11.96
N ALA A 26 -23.27 -12.32 -12.98
CA ALA A 26 -23.36 -11.84 -14.37
C ALA A 26 -24.63 -11.00 -14.56
N SER A 27 -25.65 -11.19 -13.74
CA SER A 27 -26.87 -10.36 -13.91
C SER A 27 -26.85 -9.05 -13.10
N THR A 28 -25.84 -8.87 -12.25
CA THR A 28 -25.69 -7.64 -11.49
C THR A 28 -25.34 -6.46 -12.38
N PRO A 29 -26.21 -5.43 -12.42
CA PRO A 29 -25.90 -4.22 -13.17
C PRO A 29 -24.60 -3.58 -12.70
N LEU A 30 -23.87 -2.95 -13.60
CA LEU A 30 -22.69 -2.26 -13.21
C LEU A 30 -23.04 -0.85 -12.73
N GLN A 31 -23.59 -0.78 -11.52
CA GLN A 31 -24.12 0.48 -11.00
C GLN A 31 -23.86 0.56 -9.51
N GLU A 32 -23.60 1.77 -9.01
CA GLU A 32 -23.26 1.97 -7.62
C GLU A 32 -24.19 1.27 -6.64
N GLN A 33 -25.50 1.50 -6.73
CA GLN A 33 -26.41 0.97 -5.68
C GLN A 33 -26.64 -0.54 -5.79
N ALA A 34 -26.56 -1.06 -7.00
CA ALA A 34 -26.69 -2.50 -7.22
C ALA A 34 -25.52 -3.25 -6.57
N ILE A 35 -24.32 -2.76 -6.77
CA ILE A 35 -23.12 -3.37 -6.18
C ILE A 35 -23.15 -3.24 -4.64
N ALA A 36 -23.51 -2.07 -4.14
CA ALA A 36 -23.52 -1.83 -2.68
C ALA A 36 -24.55 -2.73 -2.01
N ASP A 37 -25.69 -2.91 -2.66
CA ASP A 37 -26.70 -3.84 -2.16
C ASP A 37 -26.21 -5.27 -2.17
N ALA A 38 -25.36 -5.62 -3.14
CA ALA A 38 -24.84 -6.98 -3.27
C ALA A 38 -23.72 -7.27 -2.30
N LEU A 39 -22.96 -6.23 -1.94
CA LEU A 39 -21.77 -6.38 -1.12
C LEU A 39 -22.12 -6.76 0.31
N ASP A 40 -21.33 -7.65 0.91
CA ASP A 40 -21.54 -8.05 2.31
C ASP A 40 -20.24 -7.90 3.10
N GLY A 41 -19.99 -6.68 3.57
CA GLY A 41 -18.77 -6.41 4.32
C GLY A 41 -18.75 -4.94 4.61
N ASP A 42 -17.72 -4.51 5.32
CA ASP A 42 -17.57 -3.14 5.70
C ASP A 42 -16.69 -2.49 4.63
N TYR A 43 -17.21 -2.34 3.42
CA TYR A 43 -16.44 -1.82 2.30
C TYR A 43 -16.87 -0.40 2.00
N ARG A 44 -15.99 0.31 1.30
CA ARG A 44 -16.30 1.53 0.59
C ARG A 44 -16.25 1.20 -0.91
N LEU A 45 -16.73 2.12 -1.74
CA LEU A 45 -16.84 1.90 -3.18
C LEU A 45 -16.38 3.18 -3.92
N ARG A 46 -15.61 2.99 -4.99
CA ARG A 46 -15.02 4.07 -5.76
C ARG A 46 -15.28 3.71 -7.22
N SER A 47 -15.24 4.67 -8.14
CA SER A 47 -15.44 4.33 -9.55
C SER A 47 -14.36 4.89 -10.45
N GLY A 48 -14.39 4.47 -11.70
CA GLY A 48 -13.39 4.89 -12.68
C GLY A 48 -13.83 4.47 -14.08
N MET A 49 -13.08 4.88 -15.08
CA MET A 49 -13.44 4.56 -16.44
C MET A 49 -12.18 4.26 -17.10
N LYS A 50 -12.28 3.41 -18.12
CA LYS A 50 -11.13 3.12 -18.93
C LYS A 50 -11.61 2.75 -20.32
N THR A 51 -10.61 2.53 -21.15
CA THR A 51 -10.79 2.24 -22.55
C THR A 51 -10.83 0.72 -22.74
N ALA A 52 -11.79 0.25 -23.55
CA ALA A 52 -11.94 -1.17 -23.94
C ALA A 52 -12.68 -1.31 -25.28
N ASN A 53 -12.12 -2.06 -26.23
CA ASN A 53 -12.78 -2.41 -27.53
C ASN A 53 -13.40 -1.26 -28.32
N GLY A 54 -12.64 -0.19 -28.48
CA GLY A 54 -13.09 0.98 -29.21
C GLY A 54 -14.14 1.76 -28.46
N ASN A 55 -14.21 1.59 -27.15
CA ASN A 55 -15.06 2.46 -26.31
C ASN A 55 -14.52 2.70 -24.89
N VAL A 56 -15.31 3.38 -24.08
CA VAL A 56 -14.95 3.65 -22.71
C VAL A 56 -15.89 2.84 -21.82
N VAL A 57 -15.33 2.07 -20.88
CA VAL A 57 -16.16 1.32 -19.92
C VAL A 57 -15.92 1.80 -18.48
N ARG A 58 -16.96 1.64 -17.66
CA ARG A 58 -16.87 1.95 -16.28
C ARG A 58 -16.36 0.74 -15.51
N PHE A 59 -15.67 1.02 -14.41
CA PHE A 59 -15.32 0.01 -13.42
C PHE A 59 -15.54 0.54 -11.99
N PHE A 60 -15.62 -0.37 -11.02
CA PHE A 60 -15.70 0.00 -9.59
C PHE A 60 -14.57 -0.68 -8.82
N GLU A 61 -14.03 0.04 -7.84
CA GLU A 61 -13.12 -0.52 -6.85
C GLU A 61 -13.83 -0.58 -5.51
N VAL A 62 -13.89 -1.78 -4.99
CA VAL A 62 -14.44 -2.04 -3.70
C VAL A 62 -13.26 -1.89 -2.75
N MET A 63 -13.39 -1.04 -1.76
CA MET A 63 -12.24 -0.64 -0.97
C MET A 63 -12.34 -1.23 0.43
N LYS A 64 -11.24 -1.71 0.93
CA LYS A 64 -11.18 -2.26 2.29
C LYS A 64 -10.09 -1.47 2.98
N GLY A 65 -10.51 -0.51 3.78
CA GLY A 65 -9.62 0.53 4.26
C GLY A 65 -9.00 1.28 3.10
N ASP A 66 -7.67 1.31 3.12
CA ASP A 66 -6.82 2.05 2.20
C ASP A 66 -6.55 1.31 0.87
N ASN A 67 -7.01 0.06 0.81
CA ASN A 67 -6.58 -0.90 -0.20
C ASN A 67 -7.76 -1.41 -1.03
N VAL A 68 -7.48 -1.76 -2.28
CA VAL A 68 -8.51 -2.28 -3.15
C VAL A 68 -8.78 -3.70 -2.73
N ALA A 69 -10.04 -4.00 -2.39
CA ALA A 69 -10.46 -5.38 -2.07
C ALA A 69 -10.94 -6.16 -3.31
N MET A 70 -11.56 -5.44 -4.28
CA MET A 70 -12.07 -6.03 -5.54
C MET A 70 -12.12 -4.94 -6.57
N VAL A 71 -11.91 -5.35 -7.82
CA VAL A 71 -12.16 -4.50 -9.00
C VAL A 71 -13.28 -5.17 -9.78
N ILE A 72 -14.36 -4.43 -10.04
CA ILE A 72 -15.48 -4.93 -10.75
C ILE A 72 -15.53 -4.27 -12.13
N ASN A 73 -15.61 -5.10 -13.15
CA ASN A 73 -15.67 -4.67 -14.57
C ASN A 73 -16.93 -5.21 -15.20
N GLY A 74 -17.35 -4.59 -16.29
CA GLY A 74 -18.62 -4.97 -16.94
C GLY A 74 -18.84 -4.30 -18.29
N GLY A 77 -23.03 -3.24 -20.17
CA GLY A 77 -22.77 -2.64 -18.82
C GLY A 77 -23.29 -3.44 -17.60
N THR A 78 -22.97 -4.72 -17.60
CA THR A 78 -23.40 -5.64 -16.56
C THR A 78 -22.08 -6.28 -16.12
N ILE A 79 -22.01 -6.89 -14.94
CA ILE A 79 -20.70 -7.35 -14.46
C ILE A 79 -20.18 -8.52 -15.27
N SER A 80 -18.98 -8.38 -15.84
CA SER A 80 -18.37 -9.47 -16.60
C SER A 80 -17.04 -10.02 -16.05
N ARG A 81 -16.45 -9.33 -15.08
CA ARG A 81 -15.20 -9.74 -14.44
C ARG A 81 -15.10 -9.09 -13.05
N ILE A 82 -14.58 -9.86 -12.09
CA ILE A 82 -14.30 -9.35 -10.70
C ILE A 82 -12.95 -9.90 -10.32
N ASP A 83 -11.99 -9.02 -10.05
CA ASP A 83 -10.71 -9.43 -9.48
C ASP A 83 -10.76 -9.27 -7.94
N VAL A 84 -10.42 -10.30 -7.20
CA VAL A 84 -10.55 -10.27 -5.75
C VAL A 84 -9.15 -10.19 -5.19
N LEU A 85 -8.91 -9.20 -4.36
CA LEU A 85 -7.62 -9.08 -3.69
C LEU A 85 -7.74 -9.17 -2.17
N ASP A 86 -8.97 -9.22 -1.69
CA ASP A 86 -9.30 -9.30 -0.27
C ASP A 86 -8.99 -10.71 0.23
N SER A 87 -8.05 -10.79 1.17
CA SER A 87 -7.57 -12.10 1.63
C SER A 87 -8.67 -12.84 2.37
N ASP A 88 -9.66 -12.10 2.87
CA ASP A 88 -10.82 -12.68 3.52
C ASP A 88 -11.86 -13.33 2.61
N ILE A 89 -11.70 -13.24 1.31
CA ILE A 89 -12.66 -13.89 0.40
C ILE A 89 -11.93 -15.02 -0.31
N PRO A 90 -12.24 -16.28 0.04
CA PRO A 90 -11.60 -17.38 -0.66
C PRO A 90 -12.41 -17.79 -1.90
N ALA A 91 -11.81 -18.58 -2.78
CA ALA A 91 -12.54 -19.27 -3.82
C ALA A 91 -13.22 -20.49 -3.21
N ASP A 92 -14.31 -20.96 -3.78
CA ASP A 92 -14.99 -22.11 -3.20
C ASP A 92 -14.22 -23.41 -3.58
N THR A 93 -13.19 -23.27 -4.41
CA THR A 93 -12.18 -24.31 -4.61
C THR A 93 -11.29 -24.47 -3.40
N GLY A 94 -11.42 -23.56 -2.42
CA GLY A 94 -10.58 -23.55 -1.22
C GLY A 94 -9.33 -22.68 -1.34
N VAL A 95 -9.10 -22.13 -2.53
CA VAL A 95 -7.96 -21.30 -2.74
C VAL A 95 -8.22 -19.88 -2.16
N LYS A 96 -7.17 -19.29 -1.61
CA LYS A 96 -7.25 -17.94 -1.04
C LYS A 96 -5.97 -17.21 -1.40
N ILE A 97 -6.00 -15.90 -1.22
CA ILE A 97 -4.80 -15.07 -1.32
C ILE A 97 -3.76 -15.64 -0.37
N GLY A 98 -2.53 -15.84 -0.87
CA GLY A 98 -1.54 -16.52 -0.12
C GLY A 98 -1.38 -18.02 -0.36
N THR A 99 -2.32 -18.69 -1.03
CA THR A 99 -2.16 -20.13 -1.29
C THR A 99 -0.85 -20.31 -2.07
N PRO A 100 0.01 -21.26 -1.65
CA PRO A 100 1.24 -21.55 -2.41
C PRO A 100 0.93 -22.16 -3.79
N PHE A 101 1.67 -21.73 -4.81
CA PHE A 101 1.55 -22.37 -6.14
C PHE A 101 1.61 -23.91 -6.08
N SER A 102 2.61 -24.44 -5.34
CA SER A 102 2.91 -25.88 -5.20
C SER A 102 1.82 -26.68 -4.50
N ASP A 103 0.90 -25.97 -3.83
CA ASP A 103 -0.31 -26.59 -3.29
C ASP A 103 -1.29 -27.01 -4.44
N LEU A 104 -1.20 -26.32 -5.56
CA LEU A 104 -2.22 -26.47 -6.60
C LEU A 104 -1.72 -27.10 -7.87
N TYR A 105 -0.47 -26.81 -8.24
CA TYR A 105 0.09 -27.22 -9.54
C TYR A 105 1.46 -27.84 -9.36
N SER A 106 1.70 -28.92 -10.08
CA SER A 106 3.02 -29.54 -10.11
C SER A 106 3.91 -28.89 -11.16
N LYS A 107 3.28 -28.17 -12.08
CA LYS A 107 3.97 -27.49 -13.18
C LYS A 107 3.05 -26.45 -13.81
N ALA A 108 3.65 -25.46 -14.45
CA ALA A 108 2.89 -24.35 -15.06
C ALA A 108 2.28 -24.71 -16.41
N PHE A 109 2.98 -25.54 -17.18
CA PHE A 109 2.66 -25.88 -18.57
C PHE A 109 1.16 -26.05 -18.78
N GLY A 110 0.63 -25.28 -19.71
CA GLY A 110 -0.75 -25.43 -20.17
C GLY A 110 -1.82 -24.90 -19.23
N ASN A 111 -1.55 -24.96 -17.93
CA ASN A 111 -2.45 -24.41 -16.88
C ASN A 111 -2.43 -22.86 -16.82
N CYS A 112 -1.25 -22.31 -17.09
CA CYS A 112 -0.84 -20.97 -16.67
C CYS A 112 -0.22 -20.20 -17.80
N GLN A 113 -0.35 -18.87 -17.72
CA GLN A 113 0.15 -17.92 -18.69
C GLN A 113 0.48 -16.60 -17.96
N LYS A 114 1.40 -15.82 -18.52
CA LYS A 114 1.65 -14.46 -18.03
C LYS A 114 0.34 -13.69 -18.00
N ALA A 115 0.11 -12.97 -16.90
CA ALA A 115 -1.12 -12.21 -16.70
C ALA A 115 -1.23 -11.06 -17.68
N ALA A 122 3.15 -11.09 -12.72
CA ALA A 122 2.21 -12.14 -12.28
C ALA A 122 1.91 -13.20 -13.36
N VAL A 123 1.58 -14.39 -12.91
CA VAL A 123 1.24 -15.50 -13.78
C VAL A 123 -0.21 -15.85 -13.44
N GLU A 124 -1.02 -16.09 -14.47
CA GLU A 124 -2.42 -16.41 -14.27
C GLU A 124 -2.72 -17.85 -14.71
N CYS A 125 -3.43 -18.58 -13.85
CA CYS A 125 -3.73 -20.01 -14.03
C CYS A 125 -5.20 -20.28 -13.82
N LYS A 126 -5.80 -21.12 -14.65
CA LYS A 126 -7.19 -21.48 -14.49
C LYS A 126 -7.33 -22.43 -13.34
N ALA A 127 -8.40 -22.27 -12.59
CA ALA A 127 -8.70 -23.14 -11.50
C ALA A 127 -9.14 -24.47 -12.08
N GLU A 128 -8.62 -25.56 -11.49
CA GLU A 128 -8.92 -26.93 -11.93
C GLU A 128 -10.44 -27.20 -11.83
N GLY A 129 -11.03 -27.64 -12.94
CA GLY A 129 -12.46 -27.94 -12.97
C GLY A 129 -13.41 -26.74 -13.02
N SER A 130 -12.85 -25.54 -13.17
CA SER A 130 -13.67 -24.32 -13.25
C SER A 130 -13.74 -23.76 -14.66
N GLN A 131 -14.89 -23.21 -15.04
CA GLN A 131 -15.08 -22.48 -16.29
CA GLN A 131 -14.97 -22.49 -16.31
C GLN A 131 -14.91 -20.97 -16.10
N HIS A 132 -14.92 -20.51 -14.84
CA HIS A 132 -15.00 -19.05 -14.58
C HIS A 132 -13.91 -18.47 -13.72
N ILE A 133 -13.20 -19.32 -12.95
CA ILE A 133 -12.21 -18.87 -11.94
C ILE A 133 -10.76 -19.11 -12.37
N SER A 134 -9.92 -18.08 -12.14
CA SER A 134 -8.49 -18.10 -12.39
C SER A 134 -7.82 -17.54 -11.14
N TYR A 135 -6.53 -17.84 -10.96
CA TYR A 135 -5.74 -17.31 -9.86
C TYR A 135 -4.56 -16.61 -10.49
N GLN A 136 -4.20 -15.44 -9.99
CA GLN A 136 -2.89 -14.88 -10.35
C GLN A 136 -1.92 -15.15 -9.22
N PHE A 137 -0.65 -15.34 -9.59
CA PHE A 137 0.39 -15.68 -8.61
C PHE A 137 1.44 -14.61 -8.68
N SER A 138 2.10 -14.32 -7.55
CA SER A 138 3.30 -13.48 -7.61
C SER A 138 4.37 -13.98 -6.67
N GLY A 139 5.61 -13.57 -6.94
CA GLY A 139 6.77 -14.09 -6.20
C GLY A 139 8.00 -13.52 -6.85
N GLU A 140 9.19 -14.01 -6.47
CA GLU A 140 10.45 -13.50 -7.03
C GLU A 140 10.59 -13.87 -8.50
N TRP A 141 10.78 -12.87 -9.35
CA TRP A 141 11.03 -13.13 -10.76
C TRP A 141 12.45 -13.63 -10.99
N ARG A 142 12.59 -14.50 -11.98
CA ARG A 142 13.84 -15.12 -12.35
C ARG A 142 13.76 -15.33 -13.86
N GLY A 143 14.87 -15.10 -14.57
CA GLY A 143 14.94 -15.27 -16.03
C GLY A 143 14.40 -14.10 -16.85
N PRO A 144 14.39 -14.23 -18.20
CA PRO A 144 13.83 -13.25 -19.14
C PRO A 144 12.43 -12.79 -18.76
N GLU A 145 12.12 -11.55 -19.09
CA GLU A 145 10.95 -10.87 -18.57
C GLU A 145 9.66 -11.12 -19.41
N GLY A 146 9.80 -11.61 -20.63
CA GLY A 146 8.66 -11.73 -21.54
C GLY A 146 8.03 -13.12 -21.56
N LEU A 147 8.53 -13.98 -20.69
CA LEU A 147 8.07 -15.37 -20.56
C LEU A 147 7.56 -15.66 -19.14
N MET A 148 6.76 -16.72 -18.97
CA MET A 148 6.51 -17.28 -17.64
C MET A 148 7.83 -17.77 -17.09
N PRO A 149 8.14 -17.48 -15.81
CA PRO A 149 9.27 -18.15 -15.14
C PRO A 149 9.08 -19.68 -15.03
N SER A 150 10.17 -20.40 -14.77
CA SER A 150 10.17 -21.84 -14.73
C SER A 150 9.43 -22.38 -13.52
N ASP A 151 9.21 -23.70 -13.51
CA ASP A 151 8.54 -24.42 -12.42
C ASP A 151 9.28 -24.33 -11.06
N ASP A 152 10.62 -24.34 -11.06
CA ASP A 152 11.37 -24.24 -9.78
C ASP A 152 11.27 -22.89 -9.08
N THR A 153 11.15 -21.83 -9.87
CA THR A 153 10.87 -20.51 -9.32
C THR A 153 9.42 -20.41 -8.84
N LEU A 154 8.49 -20.80 -9.73
CA LEU A 154 7.06 -20.69 -9.45
C LEU A 154 6.59 -21.48 -8.24
N LYS A 155 7.27 -22.56 -7.86
CA LYS A 155 6.75 -23.43 -6.78
C LYS A 155 6.51 -22.64 -5.48
N ASN A 156 7.32 -21.60 -5.26
CA ASN A 156 7.27 -20.74 -4.08
C ASN A 156 6.40 -19.48 -4.25
N TRP A 157 5.83 -19.29 -5.44
CA TRP A 157 4.88 -18.19 -5.64
C TRP A 157 3.57 -18.40 -4.85
N LYS A 158 2.83 -17.34 -4.60
CA LYS A 158 1.58 -17.42 -3.85
C LYS A 158 0.49 -16.65 -4.58
N VAL A 159 -0.76 -17.07 -4.39
CA VAL A 159 -1.89 -16.47 -5.01
C VAL A 159 -1.96 -15.01 -4.55
N SER A 160 -2.01 -14.09 -5.49
CA SER A 160 -2.11 -12.66 -5.13
C SER A 160 -3.42 -12.05 -5.64
N LYS A 161 -4.13 -12.76 -6.50
CA LYS A 161 -5.47 -12.33 -6.91
C LYS A 161 -6.31 -13.54 -7.31
N ILE A 162 -7.62 -13.48 -7.06
CA ILE A 162 -8.54 -14.48 -7.57
C ILE A 162 -9.44 -13.74 -8.59
N ILE A 163 -9.58 -14.31 -9.78
CA ILE A 163 -10.36 -13.65 -10.85
C ILE A 163 -11.55 -14.48 -11.25
N TRP A 164 -12.72 -13.88 -11.25
CA TRP A 164 -13.91 -14.51 -11.79
C TRP A 164 -14.24 -13.85 -13.13
N ARG A 165 -14.62 -14.65 -14.16
CA ARG A 165 -15.06 -14.06 -15.46
C ARG A 165 -16.35 -14.71 -15.94
N ARG A 166 -17.32 -13.93 -16.45
CA ARG A 166 -18.64 -14.51 -16.85
C ARG A 166 -18.48 -15.52 -18.00
N THR B 14 11.63 18.39 24.04
CA THR B 14 11.44 17.17 23.17
C THR B 14 12.06 17.36 21.78
N LYS B 15 12.88 16.38 21.36
CA LYS B 15 13.58 16.44 20.08
C LYS B 15 13.65 15.10 19.37
N VAL B 16 13.82 15.14 18.04
CA VAL B 16 14.15 13.90 17.36
C VAL B 16 15.64 13.64 17.56
N SER B 17 15.99 12.45 18.05
CA SER B 17 17.39 12.11 18.21
C SER B 17 17.64 10.77 17.58
N GLU B 18 18.89 10.31 17.60
CA GLU B 18 19.27 9.15 16.78
C GLU B 18 18.45 7.93 17.14
N GLN B 19 18.10 7.83 18.42
CA GLN B 19 17.46 6.61 18.92
C GLN B 19 16.08 6.79 19.47
N GLY B 20 15.44 7.90 19.13
CA GLY B 20 14.04 8.05 19.49
C GLY B 20 13.55 9.47 19.43
N VAL B 21 12.36 9.67 19.98
CA VAL B 21 11.78 10.99 19.97
C VAL B 21 11.35 11.26 21.42
N GLY B 22 12.13 12.09 22.12
CA GLY B 22 11.98 12.22 23.56
C GLY B 22 12.11 10.82 24.16
N GLU B 23 11.09 10.38 24.90
CA GLU B 23 11.15 9.10 25.61
C GLU B 23 10.59 7.96 24.77
N LEU B 24 10.08 8.28 23.58
CA LEU B 24 9.63 7.24 22.62
C LEU B 24 10.76 6.59 21.85
N THR B 25 10.93 5.29 22.07
CA THR B 25 12.05 4.54 21.49
C THR B 25 11.58 3.23 20.85
N ALA B 26 12.52 2.49 20.29
CA ALA B 26 12.27 1.19 19.65
C ALA B 26 11.74 0.15 20.66
N SER B 27 11.91 0.44 21.95
CA SER B 27 11.41 -0.40 23.06
C SER B 27 9.99 -0.09 23.49
N THR B 28 9.49 1.08 23.12
CA THR B 28 8.16 1.48 23.55
C THR B 28 7.12 0.56 22.90
N PRO B 29 6.28 -0.11 23.72
CA PRO B 29 5.19 -0.90 23.13
C PRO B 29 4.25 0.03 22.37
N LEU B 30 3.73 -0.43 21.23
CA LEU B 30 2.75 0.34 20.47
C LEU B 30 1.39 0.15 21.13
N GLN B 31 1.22 0.86 22.23
CA GLN B 31 0.08 0.74 23.11
C GLN B 31 -0.14 2.13 23.57
N GLU B 32 -1.41 2.48 23.71
CA GLU B 32 -1.79 3.82 24.07
C GLU B 32 -1.29 4.27 25.43
N GLN B 33 -1.25 3.38 26.43
CA GLN B 33 -0.80 3.79 27.81
C GLN B 33 0.71 4.07 27.89
N ALA B 34 1.49 3.31 27.14
CA ALA B 34 2.94 3.48 27.08
C ALA B 34 3.31 4.76 26.35
N ILE B 35 2.71 4.99 25.18
CA ILE B 35 2.94 6.23 24.45
C ILE B 35 2.56 7.45 25.29
N ALA B 36 1.36 7.45 25.87
CA ALA B 36 0.90 8.51 26.75
C ALA B 36 1.87 8.85 27.92
N ASP B 37 2.44 7.81 28.49
CA ASP B 37 3.37 7.90 29.61
C ASP B 37 4.70 8.50 29.16
N ALA B 38 5.21 8.03 28.01
CA ALA B 38 6.46 8.53 27.44
C ALA B 38 6.33 9.99 27.10
N LEU B 39 5.15 10.38 26.63
CA LEU B 39 4.91 11.78 26.33
C LEU B 39 4.72 12.61 27.60
N TYR B 43 -1.21 17.12 24.32
CA TYR B 43 -1.20 15.98 23.39
C TYR B 43 -2.25 14.93 23.73
N ARG B 44 -3.22 14.69 22.83
CA ARG B 44 -4.14 13.53 22.91
C ARG B 44 -3.86 12.55 21.76
N LEU B 45 -4.39 11.33 21.88
CA LEU B 45 -4.02 10.24 20.99
C LEU B 45 -5.24 9.70 20.27
N ARG B 46 -5.07 9.45 18.97
CA ARG B 46 -6.13 8.84 18.17
C ARG B 46 -5.49 7.58 17.63
N SER B 47 -6.28 6.57 17.34
CA SER B 47 -5.69 5.38 16.76
C SER B 47 -6.27 5.08 15.39
N GLY B 48 -5.58 4.21 14.69
CA GLY B 48 -5.98 3.73 13.38
C GLY B 48 -5.29 2.42 13.12
N MET B 49 -5.59 1.84 11.96
CA MET B 49 -4.99 0.62 11.46
C MET B 49 -4.85 0.86 9.97
N LYS B 50 -3.87 0.21 9.36
CA LYS B 50 -3.61 0.31 7.93
C LYS B 50 -2.91 -0.95 7.41
N THR B 51 -2.16 -0.78 6.32
CA THR B 51 -1.51 -1.91 5.64
C THR B 51 -0.07 -1.62 5.30
N ALA B 52 0.77 -2.53 5.77
CA ALA B 52 2.15 -2.65 5.31
C ALA B 52 2.42 -4.14 5.25
N ASN B 53 3.15 -4.58 4.21
CA ASN B 53 3.44 -6.02 3.98
C ASN B 53 2.19 -6.91 4.06
N GLY B 54 1.08 -6.44 3.49
CA GLY B 54 -0.13 -7.25 3.38
C GLY B 54 -1.03 -7.29 4.60
N ASN B 55 -0.45 -7.25 5.81
CA ASN B 55 -1.26 -7.37 7.04
C ASN B 55 -1.67 -6.08 7.77
N VAL B 56 -2.56 -6.28 8.75
CA VAL B 56 -3.12 -5.21 9.58
C VAL B 56 -2.16 -4.83 10.69
N VAL B 57 -1.56 -3.64 10.54
CA VAL B 57 -0.77 -3.00 11.59
C VAL B 57 -1.54 -1.84 12.22
N ARG B 58 -1.14 -1.45 13.44
CA ARG B 58 -1.69 -0.32 14.16
C ARG B 58 -0.82 0.93 14.09
N PHE B 59 -1.46 2.08 14.26
CA PHE B 59 -0.75 3.32 14.40
C PHE B 59 -1.49 4.28 15.32
N PHE B 60 -0.78 5.27 15.79
CA PHE B 60 -1.37 6.30 16.62
C PHE B 60 -1.01 7.61 16.02
N GLU B 61 -1.93 8.56 16.15
CA GLU B 61 -1.64 9.95 15.89
C GLU B 61 -1.68 10.72 17.20
N VAL B 62 -0.68 11.55 17.40
CA VAL B 62 -0.56 12.41 18.57
C VAL B 62 -1.05 13.75 18.09
N MET B 63 -2.10 14.24 18.73
CA MET B 63 -2.77 15.42 18.31
C MET B 63 -2.38 16.64 19.15
N LYS B 64 -2.31 17.77 18.48
CA LYS B 64 -2.42 19.04 19.18
C LYS B 64 -3.52 19.83 18.50
N GLY B 65 -4.64 19.98 19.21
CA GLY B 65 -5.82 20.63 18.68
C GLY B 65 -6.42 19.91 17.49
N ASP B 66 -6.73 20.67 16.45
CA ASP B 66 -7.22 20.13 15.17
C ASP B 66 -6.19 19.28 14.40
N ASN B 67 -4.92 19.36 14.78
CA ASN B 67 -3.84 18.87 13.88
C ASN B 67 -3.01 17.71 14.38
N VAL B 68 -2.54 16.90 13.42
CA VAL B 68 -1.62 15.81 13.69
C VAL B 68 -0.19 16.34 13.95
N ALA B 69 0.36 16.07 15.14
CA ALA B 69 1.71 16.53 15.47
C ALA B 69 2.71 15.41 15.23
N MET B 70 2.25 14.16 15.31
CA MET B 70 3.14 13.02 15.24
C MET B 70 2.30 11.82 14.86
N VAL B 71 2.90 10.91 14.09
CA VAL B 71 2.34 9.63 13.70
C VAL B 71 3.32 8.60 14.12
N ILE B 72 2.84 7.63 14.89
CA ILE B 72 3.64 6.56 15.44
C ILE B 72 3.20 5.21 14.87
N ASN B 73 4.10 4.55 14.19
CA ASN B 73 3.87 3.23 13.67
C ASN B 73 4.64 2.19 14.46
N GLY B 74 4.13 0.97 14.44
CA GLY B 74 4.88 -0.15 15.04
C GLY B 74 4.98 -1.40 14.20
N ASP B 75 5.94 -2.24 14.54
CA ASP B 75 6.06 -3.55 13.90
C ASP B 75 5.40 -4.66 14.73
N GLY B 77 5.48 -5.76 18.23
CA GLY B 77 4.55 -4.88 18.97
C GLY B 77 5.14 -3.62 19.59
N THR B 78 6.22 -3.11 18.98
CA THR B 78 6.90 -1.90 19.47
C THR B 78 7.01 -0.82 18.39
N ILE B 79 7.36 0.40 18.80
CA ILE B 79 7.45 1.54 17.89
C ILE B 79 8.58 1.29 16.91
N SER B 80 8.28 1.46 15.62
CA SER B 80 9.26 1.26 14.55
C SER B 80 9.52 2.51 13.72
N ARG B 81 8.60 3.47 13.78
CA ARG B 81 8.72 4.70 13.00
C ARG B 81 7.86 5.80 13.57
N ILE B 82 8.40 7.00 13.62
CA ILE B 82 7.72 8.15 14.16
C ILE B 82 7.88 9.26 13.12
N ASP B 83 6.78 9.85 12.69
CA ASP B 83 6.84 10.99 11.78
C ASP B 83 6.46 12.20 12.60
N VAL B 84 7.34 13.20 12.55
CA VAL B 84 7.09 14.48 13.20
C VAL B 84 6.66 15.60 12.26
N LEU B 85 5.47 16.15 12.51
CA LEU B 85 4.90 17.23 11.71
C LEU B 85 4.87 18.59 12.47
N ASP B 86 5.15 18.53 13.76
CA ASP B 86 5.03 19.65 14.70
C ASP B 86 6.32 20.44 14.71
N SER B 87 6.26 21.73 14.34
CA SER B 87 7.47 22.54 14.26
C SER B 87 8.13 22.78 15.62
N ASP B 88 7.43 22.38 16.68
CA ASP B 88 7.88 22.58 18.05
C ASP B 88 8.87 21.49 18.41
N ILE B 89 8.98 20.45 17.58
CA ILE B 89 9.87 19.31 17.88
C ILE B 89 10.92 19.28 16.78
N PRO B 90 12.13 19.84 17.06
CA PRO B 90 13.21 19.84 16.08
C PRO B 90 14.00 18.53 16.19
N ALA B 91 14.91 18.31 15.25
CA ALA B 91 15.88 17.24 15.38
C ALA B 91 17.07 17.74 16.20
N ASP B 92 17.75 16.82 16.87
CA ASP B 92 18.95 17.15 17.65
C ASP B 92 20.06 17.75 16.76
N THR B 93 19.87 17.70 15.44
CA THR B 93 20.80 18.30 14.47
C THR B 93 20.60 19.81 14.33
N GLY B 94 19.56 20.35 14.97
CA GLY B 94 19.10 21.73 14.79
C GLY B 94 18.12 21.88 13.63
N VAL B 95 17.95 20.83 12.84
CA VAL B 95 17.00 20.86 11.70
C VAL B 95 15.57 20.88 12.26
N LYS B 96 14.73 21.70 11.66
CA LYS B 96 13.36 21.82 12.10
C LYS B 96 12.44 21.92 10.88
N ILE B 97 11.15 21.68 11.12
CA ILE B 97 10.12 21.93 10.15
C ILE B 97 10.30 23.37 9.73
N GLY B 98 10.48 23.60 8.44
CA GLY B 98 10.64 24.93 7.93
C GLY B 98 12.06 25.10 7.39
N THR B 99 12.98 24.18 7.71
CA THR B 99 14.39 24.37 7.33
C THR B 99 14.51 24.21 5.81
N PRO B 100 15.20 25.16 5.09
CA PRO B 100 15.35 25.02 3.64
C PRO B 100 16.31 23.93 3.23
N PHE B 101 16.02 23.30 2.10
CA PHE B 101 16.85 22.28 1.56
C PHE B 101 18.32 22.76 1.39
N SER B 102 18.47 24.01 0.96
CA SER B 102 19.76 24.62 0.66
C SER B 102 20.61 24.83 1.91
N ASP B 103 20.00 24.75 3.09
CA ASP B 103 20.76 24.90 4.31
C ASP B 103 21.56 23.63 4.57
N LEU B 104 21.12 22.53 3.96
CA LEU B 104 21.60 21.20 4.30
C LEU B 104 22.31 20.42 3.21
N TYR B 105 21.91 20.60 1.95
CA TYR B 105 22.36 19.73 0.86
C TYR B 105 22.82 20.58 -0.29
N SER B 106 23.92 20.17 -0.89
CA SER B 106 24.45 20.82 -2.08
C SER B 106 23.74 20.27 -3.33
N LYS B 107 23.39 18.99 -3.28
CA LYS B 107 22.60 18.33 -4.30
C LYS B 107 21.78 17.17 -3.73
N ALA B 108 20.78 16.74 -4.49
CA ALA B 108 19.95 15.67 -4.00
C ALA B 108 20.57 14.29 -4.17
N PHE B 109 21.43 14.14 -5.19
CA PHE B 109 21.92 12.81 -5.58
C PHE B 109 22.49 11.96 -4.43
N GLY B 110 21.94 10.76 -4.24
CA GLY B 110 22.45 9.87 -3.21
C GLY B 110 21.81 10.06 -1.86
N ASN B 111 21.84 11.29 -1.34
CA ASN B 111 21.18 11.64 -0.07
C ASN B 111 19.64 11.54 -0.10
N CYS B 112 19.04 11.79 -1.27
CA CYS B 112 17.60 11.98 -1.39
C CYS B 112 16.90 11.10 -2.44
N GLN B 113 15.61 10.86 -2.20
CA GLN B 113 14.78 10.07 -3.10
C GLN B 113 13.35 10.56 -2.95
N LYS B 114 12.50 10.22 -3.93
CA LYS B 114 11.09 10.53 -3.82
C LYS B 114 10.49 9.70 -2.70
N ALA B 115 9.68 10.35 -1.88
CA ALA B 115 9.06 9.71 -0.73
C ALA B 115 7.87 8.82 -1.13
N ASP B 116 7.52 7.85 -0.27
CA ASP B 116 6.35 6.99 -0.53
C ASP B 116 5.13 7.46 0.27
N GLY B 117 3.93 7.07 -0.18
CA GLY B 117 2.68 7.41 0.52
C GLY B 117 1.76 8.30 -0.30
N ASN B 120 4.78 11.65 -1.43
CA ASN B 120 4.37 11.31 -2.81
C ASN B 120 4.89 12.31 -3.86
N ARG B 121 4.64 13.58 -3.60
CA ARG B 121 5.31 14.64 -4.31
C ARG B 121 6.29 15.34 -3.36
N ALA B 122 6.62 14.66 -2.26
CA ALA B 122 7.73 15.04 -1.39
C ALA B 122 8.97 14.21 -1.71
N VAL B 123 10.13 14.79 -1.41
CA VAL B 123 11.44 14.15 -1.47
C VAL B 123 11.94 13.94 0.00
N GLU B 124 12.50 12.78 0.29
CA GLU B 124 13.01 12.42 1.61
C GLU B 124 14.52 12.27 1.50
N CYS B 125 15.24 12.86 2.44
CA CYS B 125 16.69 12.85 2.47
C CYS B 125 17.22 12.34 3.81
N LYS B 126 18.21 11.47 3.77
CA LYS B 126 18.88 11.03 4.99
C LYS B 126 19.61 12.18 5.73
N ALA B 127 19.42 12.26 7.05
CA ALA B 127 20.18 13.18 7.88
C ALA B 127 21.67 12.78 7.85
N GLU B 128 22.53 13.76 7.60
CA GLU B 128 23.97 13.51 7.52
C GLU B 128 24.46 12.78 8.76
N GLY B 129 25.15 11.67 8.53
CA GLY B 129 25.75 10.85 9.60
C GLY B 129 24.76 10.20 10.57
N SER B 130 23.50 10.05 10.16
CA SER B 130 22.50 9.35 10.94
C SER B 130 22.16 8.03 10.28
N GLN B 131 21.89 6.99 11.07
CA GLN B 131 21.37 5.75 10.56
C GLN B 131 19.84 5.68 10.77
N HIS B 132 19.23 6.76 11.24
CA HIS B 132 17.83 6.68 11.71
C HIS B 132 16.91 7.82 11.29
N ILE B 133 17.50 8.98 11.11
CA ILE B 133 16.71 10.18 10.91
C ILE B 133 16.76 10.59 9.46
N SER B 134 15.59 10.98 8.96
CA SER B 134 15.43 11.51 7.62
C SER B 134 14.50 12.72 7.70
N TYR B 135 14.60 13.56 6.68
CA TYR B 135 13.70 14.71 6.52
C TYR B 135 12.95 14.60 5.19
N GLN B 136 11.65 14.90 5.20
CA GLN B 136 10.90 15.10 3.95
C GLN B 136 10.86 16.58 3.67
N PHE B 137 11.02 16.93 2.40
CA PHE B 137 10.93 18.29 1.94
C PHE B 137 9.74 18.42 0.99
N SER B 138 9.02 19.54 1.10
CA SER B 138 7.94 19.89 0.20
C SER B 138 8.14 21.32 -0.37
N GLY B 139 7.54 21.57 -1.54
CA GLY B 139 7.64 22.88 -2.19
C GLY B 139 6.87 22.86 -3.50
N GLU B 140 6.91 23.96 -4.22
CA GLU B 140 6.21 24.02 -5.51
C GLU B 140 6.88 23.05 -6.48
N TRP B 141 6.06 22.24 -7.09
CA TRP B 141 6.55 21.29 -8.05
C TRP B 141 6.96 22.01 -9.31
N ARG B 142 8.11 21.63 -9.86
CA ARG B 142 8.49 22.07 -11.21
C ARG B 142 8.99 20.89 -12.04
N GLY B 143 8.56 20.82 -13.30
CA GLY B 143 9.03 19.76 -14.20
C GLY B 143 8.00 18.63 -14.31
N PRO B 144 8.29 17.57 -15.09
CA PRO B 144 7.39 16.40 -15.18
C PRO B 144 7.14 15.71 -13.83
N GLU B 145 5.92 15.20 -13.65
CA GLU B 145 5.54 14.51 -12.42
C GLU B 145 6.24 13.19 -12.13
N GLY B 146 6.68 12.51 -13.16
CA GLY B 146 7.33 11.25 -12.90
C GLY B 146 8.78 11.34 -12.44
N LEU B 147 9.33 12.56 -12.33
CA LEU B 147 10.76 12.74 -12.09
C LEU B 147 11.08 13.34 -10.71
N MET B 148 12.34 13.26 -10.27
CA MET B 148 12.75 13.94 -9.05
C MET B 148 12.97 15.37 -9.46
N PRO B 149 12.38 16.35 -8.73
CA PRO B 149 12.70 17.76 -9.07
C PRO B 149 14.20 18.04 -9.09
N SER B 150 14.63 18.96 -9.96
CA SER B 150 16.06 19.29 -10.07
C SER B 150 16.61 19.92 -8.78
N ASP B 151 17.93 19.95 -8.64
CA ASP B 151 18.53 20.63 -7.48
C ASP B 151 18.11 22.09 -7.45
N ASP B 152 17.94 22.71 -8.61
CA ASP B 152 17.61 24.12 -8.69
C ASP B 152 16.21 24.34 -8.21
N THR B 153 15.36 23.33 -8.36
CA THR B 153 14.01 23.41 -7.82
C THR B 153 14.04 23.20 -6.33
N LEU B 154 14.76 22.19 -5.90
CA LEU B 154 14.70 21.74 -4.53
C LEU B 154 15.31 22.71 -3.53
N LYS B 155 16.25 23.53 -4.01
CA LYS B 155 17.01 24.44 -3.15
C LYS B 155 16.11 25.26 -2.25
N ASN B 156 14.92 25.58 -2.79
CA ASN B 156 13.92 26.36 -2.07
C ASN B 156 12.87 25.58 -1.27
N TRP B 157 12.86 24.24 -1.37
CA TRP B 157 11.88 23.44 -0.65
C TRP B 157 12.28 23.45 0.82
N LYS B 158 11.37 23.06 1.71
CA LYS B 158 11.59 23.20 3.18
C LYS B 158 11.16 21.91 3.85
N VAL B 159 11.75 21.63 5.00
CA VAL B 159 11.39 20.43 5.76
C VAL B 159 9.91 20.45 6.13
N SER B 160 9.18 19.43 5.72
CA SER B 160 7.75 19.30 6.06
C SER B 160 7.53 18.17 7.07
N LYS B 161 8.51 17.30 7.23
CA LYS B 161 8.35 16.19 8.15
C LYS B 161 9.70 15.71 8.56
N ILE B 162 9.86 15.37 9.84
CA ILE B 162 11.07 14.69 10.32
C ILE B 162 10.71 13.26 10.67
N ILE B 163 11.50 12.30 10.18
CA ILE B 163 11.15 10.89 10.34
C ILE B 163 12.24 10.18 11.12
N TRP B 164 11.85 9.49 12.18
CA TRP B 164 12.77 8.59 12.87
C TRP B 164 12.33 7.17 12.54
N ARG B 165 13.26 6.30 12.16
CA ARG B 165 12.96 4.90 11.93
C ARG B 165 13.88 4.08 12.78
N ARG B 166 13.37 2.99 13.29
CA ARG B 166 14.24 2.10 14.02
C ARG B 166 15.02 1.28 12.97
#